data_1F2S
#
_entry.id   1F2S
#
_cell.length_a   59.76
_cell.length_b   55.55
_cell.length_c   74.47
_cell.angle_alpha   90.00
_cell.angle_beta   90.00
_cell.angle_gamma   90.00
#
_symmetry.space_group_name_H-M   'P 21 21 21'
#
loop_
_entity.id
_entity.type
_entity.pdbx_description
1 polymer TRYPSIN
2 polymer 'TRYPSIN INHIBITOR A'
3 non-polymer 'CALCIUM ION'
4 water water
#
loop_
_entity_poly.entity_id
_entity_poly.type
_entity_poly.pdbx_seq_one_letter_code
_entity_poly.pdbx_strand_id
1 'polypeptide(L)'
;IVGGYTCGANTVPYQVSLNSGYHFCGGSLINSQWVVSAAHCYKSGIQVRLGEDNINVVEGNEQFISASKSIVHPSYNSNT
LNNDIMLIKLKSAASLNSRVASISLPTSCASAGTQCLISGWGNTKSSGTSYPDVLKCLKAPILSDSSCKSAYPGQITSNM
FCAGYLEGGKDSCQGDSGGPVVCSGKLQGIVSWGSGCAQKNKPGVYTKVCNYVSWIKQTIASN
;
E
2 'polypeptide(L)' RICPRIWMECKRDSDCMAECICVMGHCG I
#
loop_
_chem_comp.id
_chem_comp.type
_chem_comp.name
_chem_comp.formula
CA non-polymer 'CALCIUM ION' 'Ca 2'
#
# COMPACT_ATOMS: atom_id res chain seq x y z
N ILE A 1 -0.29 7.38 -7.20
CA ILE A 1 -0.69 8.54 -6.35
C ILE A 1 -1.21 9.63 -7.28
N VAL A 2 -2.42 10.13 -7.00
CA VAL A 2 -3.03 11.17 -7.81
C VAL A 2 -2.93 12.50 -7.06
N GLY A 3 -2.54 13.56 -7.77
CA GLY A 3 -2.41 14.89 -7.18
C GLY A 3 -1.27 15.04 -6.20
N GLY A 4 -0.23 14.23 -6.34
CA GLY A 4 0.89 14.31 -5.42
C GLY A 4 2.11 14.98 -6.00
N TYR A 5 3.26 14.76 -5.36
CA TYR A 5 4.52 15.33 -5.78
C TYR A 5 5.55 14.21 -5.79
N THR A 6 6.78 14.52 -6.20
CA THR A 6 7.83 13.54 -6.28
C THR A 6 8.59 13.53 -4.96
N CYS A 7 8.73 12.35 -4.36
CA CYS A 7 9.42 12.21 -3.08
C CYS A 7 10.88 12.68 -3.07
N GLY A 8 11.66 12.20 -4.03
CA GLY A 8 13.06 12.53 -4.09
C GLY A 8 13.74 11.21 -3.84
N ALA A 9 14.78 10.88 -4.62
CA ALA A 9 15.47 9.61 -4.49
C ALA A 9 15.84 9.19 -3.08
N ASN A 10 15.30 8.04 -2.68
CA ASN A 10 15.57 7.42 -1.38
C ASN A 10 15.20 8.23 -0.10
N THR A 11 14.22 9.13 -0.21
CA THR A 11 13.79 9.92 0.95
C THR A 11 12.75 9.15 1.78
N VAL A 12 12.28 8.03 1.22
CA VAL A 12 11.31 7.16 1.88
C VAL A 12 12.03 5.79 1.81
N PRO A 13 13.07 5.62 2.63
CA PRO A 13 13.90 4.39 2.70
C PRO A 13 13.24 3.07 3.05
N TYR A 14 12.04 3.10 3.61
CA TYR A 14 11.35 1.88 4.00
C TYR A 14 10.42 1.37 2.89
N GLN A 15 10.23 2.17 1.85
CA GLN A 15 9.37 1.81 0.73
C GLN A 15 10.01 0.73 -0.15
N VAL A 16 9.25 -0.33 -0.43
CA VAL A 16 9.75 -1.40 -1.28
C VAL A 16 8.73 -1.63 -2.40
N SER A 17 9.18 -2.32 -3.44
CA SER A 17 8.35 -2.65 -4.58
C SER A 17 8.25 -4.15 -4.63
N LEU A 18 7.02 -4.66 -4.81
CA LEU A 18 6.81 -6.10 -4.94
C LEU A 18 6.77 -6.29 -6.46
N ASN A 19 7.61 -7.19 -6.96
CA ASN A 19 7.74 -7.41 -8.40
C ASN A 19 7.53 -8.87 -8.83
N SER A 20 6.67 -9.08 -9.81
CA SER A 20 6.42 -10.42 -10.34
C SER A 20 6.63 -10.28 -11.86
N GLY A 21 7.80 -9.76 -12.23
CA GLY A 21 8.10 -9.52 -13.63
C GLY A 21 7.80 -8.06 -13.91
N TYR A 22 7.04 -7.46 -13.00
CA TYR A 22 6.64 -6.06 -13.08
C TYR A 22 6.18 -5.65 -11.69
N HIS A 23 6.17 -4.35 -11.43
CA HIS A 23 5.73 -3.81 -10.16
C HIS A 23 4.21 -3.93 -10.11
N PHE A 24 3.67 -4.49 -9.03
CA PHE A 24 2.21 -4.60 -8.92
C PHE A 24 1.67 -4.08 -7.58
N CYS A 25 2.53 -4.04 -6.56
CA CYS A 25 2.17 -3.57 -5.24
C CYS A 25 3.39 -3.00 -4.53
N GLY A 26 3.15 -2.20 -3.50
CA GLY A 26 4.22 -1.64 -2.70
C GLY A 26 4.28 -2.39 -1.38
N GLY A 27 5.14 -1.95 -0.47
CA GLY A 27 5.27 -2.60 0.82
C GLY A 27 6.14 -1.74 1.73
N SER A 28 6.27 -2.14 2.99
CA SER A 28 7.09 -1.39 3.96
C SER A 28 8.06 -2.32 4.68
N LEU A 29 9.34 -1.96 4.69
CA LEU A 29 10.36 -2.76 5.36
C LEU A 29 10.25 -2.50 6.88
N ILE A 30 10.04 -3.55 7.68
CA ILE A 30 9.93 -3.35 9.14
C ILE A 30 11.20 -3.77 9.92
N ASN A 31 12.01 -4.62 9.31
CA ASN A 31 13.29 -5.05 9.87
C ASN A 31 14.07 -5.67 8.71
N SER A 32 15.35 -5.99 8.93
CA SER A 32 16.18 -6.53 7.86
C SER A 32 15.65 -7.74 7.10
N GLN A 33 14.73 -8.49 7.71
CA GLN A 33 14.21 -9.69 7.05
C GLN A 33 12.71 -9.69 6.76
N TRP A 34 12.00 -8.65 7.17
CA TRP A 34 10.54 -8.63 6.98
C TRP A 34 9.94 -7.41 6.35
N VAL A 35 8.92 -7.64 5.52
CA VAL A 35 8.18 -6.58 4.84
C VAL A 35 6.68 -6.79 5.10
N VAL A 36 5.97 -5.68 5.31
CA VAL A 36 4.52 -5.75 5.52
C VAL A 36 3.83 -5.14 4.28
N SER A 37 2.82 -5.83 3.78
CA SER A 37 2.07 -5.37 2.60
C SER A 37 0.61 -5.81 2.77
N ALA A 38 -0.21 -5.64 1.74
CA ALA A 38 -1.61 -6.03 1.78
C ALA A 38 -1.82 -7.48 1.38
N ALA A 39 -2.80 -8.15 2.00
CA ALA A 39 -3.07 -9.56 1.72
C ALA A 39 -3.52 -9.82 0.28
N HIS A 40 -4.23 -8.87 -0.31
CA HIS A 40 -4.68 -9.02 -1.69
C HIS A 40 -3.53 -8.94 -2.69
N CYS A 41 -2.33 -8.64 -2.21
CA CYS A 41 -1.13 -8.56 -3.05
C CYS A 41 -0.41 -9.89 -3.10
N TYR A 42 -0.96 -10.90 -2.43
CA TYR A 42 -0.31 -12.22 -2.42
C TYR A 42 -0.12 -12.81 -3.81
N LYS A 43 1.06 -13.38 -4.03
CA LYS A 43 1.44 -14.04 -5.28
C LYS A 43 2.60 -14.94 -4.91
N SER A 44 2.77 -16.05 -5.61
CA SER A 44 3.89 -16.93 -5.34
C SER A 44 5.05 -16.43 -6.18
N GLY A 45 6.27 -16.59 -5.66
CA GLY A 45 7.44 -16.15 -6.41
C GLY A 45 7.59 -14.64 -6.52
N ILE A 46 7.41 -13.95 -5.41
CA ILE A 46 7.53 -12.49 -5.37
C ILE A 46 8.99 -12.11 -5.17
N GLN A 47 9.43 -11.05 -5.84
CA GLN A 47 10.78 -10.55 -5.68
C GLN A 47 10.61 -9.14 -5.10
N VAL A 48 11.26 -8.89 -3.97
CA VAL A 48 11.19 -7.60 -3.32
C VAL A 48 12.36 -6.73 -3.74
N ARG A 49 12.05 -5.50 -4.13
CA ARG A 49 13.07 -4.56 -4.57
C ARG A 49 13.16 -3.38 -3.60
N LEU A 50 14.32 -3.22 -2.98
CA LEU A 50 14.54 -2.16 -2.01
C LEU A 50 15.50 -1.12 -2.55
N GLY A 51 15.45 0.06 -1.95
CA GLY A 51 16.33 1.16 -2.33
C GLY A 51 16.08 1.67 -3.72
N GLU A 52 14.83 1.58 -4.16
CA GLU A 52 14.43 2.00 -5.49
C GLU A 52 13.86 3.40 -5.56
N ASP A 53 14.04 4.03 -6.71
CA ASP A 53 13.43 5.33 -6.97
C ASP A 53 12.86 5.15 -8.37
N ASN A 54 13.74 5.19 -9.36
CA ASN A 54 13.32 4.97 -10.74
C ASN A 54 13.31 3.45 -10.91
N ILE A 55 12.11 2.90 -11.03
CA ILE A 55 11.95 1.45 -11.17
C ILE A 55 12.39 0.88 -12.50
N ASN A 56 12.53 1.72 -13.51
CA ASN A 56 12.96 1.27 -14.84
C ASN A 56 14.48 1.25 -14.95
N VAL A 57 15.10 2.25 -14.34
CA VAL A 57 16.55 2.40 -14.37
C VAL A 57 17.31 1.86 -13.15
N VAL A 58 18.44 1.23 -13.41
CA VAL A 58 19.31 0.72 -12.36
C VAL A 58 20.16 1.92 -11.94
N GLU A 59 20.10 2.28 -10.67
CA GLU A 59 20.82 3.44 -10.17
C GLU A 59 21.92 3.13 -9.14
N GLY A 60 22.11 1.84 -8.85
CA GLY A 60 23.15 1.45 -7.91
C GLY A 60 22.82 1.23 -6.45
N ASN A 61 21.66 1.70 -5.99
CA ASN A 61 21.30 1.53 -4.59
C ASN A 61 20.27 0.44 -4.34
N GLU A 62 19.91 -0.28 -5.39
CA GLU A 62 18.90 -1.33 -5.30
C GLU A 62 19.37 -2.63 -4.66
N GLN A 63 18.42 -3.35 -4.11
CA GLN A 63 18.66 -4.66 -3.49
C GLN A 63 17.44 -5.48 -3.90
N PHE A 64 17.66 -6.54 -4.66
CA PHE A 64 16.59 -7.41 -5.11
C PHE A 64 16.73 -8.73 -4.36
N ILE A 65 15.75 -9.05 -3.51
CA ILE A 65 15.77 -10.27 -2.72
C ILE A 65 14.43 -10.97 -2.92
N SER A 66 14.48 -12.29 -3.11
CA SER A 66 13.27 -13.09 -3.30
C SER A 66 12.55 -13.23 -1.97
N ALA A 67 11.23 -13.40 -2.04
CA ALA A 67 10.45 -13.59 -0.83
C ALA A 67 10.58 -15.07 -0.48
N SER A 68 10.88 -15.40 0.77
CA SER A 68 11.01 -16.79 1.17
C SER A 68 9.66 -17.37 1.59
N LYS A 69 8.82 -16.53 2.22
CA LYS A 69 7.49 -16.96 2.64
C LYS A 69 6.57 -15.77 2.88
N SER A 70 5.28 -15.97 2.62
CA SER A 70 4.28 -14.92 2.79
C SER A 70 3.16 -15.38 3.71
N ILE A 71 2.96 -14.67 4.82
CA ILE A 71 1.93 -15.02 5.79
C ILE A 71 0.75 -14.08 5.65
N VAL A 72 -0.38 -14.61 5.21
CA VAL A 72 -1.60 -13.83 5.06
C VAL A 72 -2.32 -13.89 6.41
N HIS A 73 -2.95 -12.80 6.81
CA HIS A 73 -3.66 -12.78 8.08
C HIS A 73 -4.74 -13.86 8.11
N PRO A 74 -4.81 -14.63 9.21
CA PRO A 74 -5.78 -15.72 9.41
C PRO A 74 -7.24 -15.37 9.12
N SER A 75 -7.62 -14.12 9.36
CA SER A 75 -9.00 -13.69 9.14
C SER A 75 -9.20 -12.79 7.93
N TYR A 76 -8.26 -12.80 6.99
CA TYR A 76 -8.39 -11.98 5.79
C TYR A 76 -9.59 -12.45 4.98
N ASN A 77 -10.39 -11.51 4.53
CA ASN A 77 -11.56 -11.82 3.73
C ASN A 77 -11.41 -11.14 2.37
N SER A 78 -11.18 -11.92 1.32
CA SER A 78 -11.00 -11.36 -0.01
C SER A 78 -12.20 -10.64 -0.61
N ASN A 79 -13.39 -10.88 -0.06
CA ASN A 79 -14.62 -10.24 -0.55
C ASN A 79 -14.86 -8.87 0.05
N THR A 80 -14.55 -8.72 1.33
CA THR A 80 -14.76 -7.46 2.05
C THR A 80 -13.45 -6.71 2.28
N LEU A 81 -12.33 -7.40 2.06
CA LEU A 81 -10.99 -6.86 2.25
C LEU A 81 -10.68 -6.57 3.73
N ASN A 82 -11.43 -7.24 4.61
CA ASN A 82 -11.24 -7.07 6.06
C ASN A 82 -9.96 -7.81 6.43
N ASN A 83 -9.15 -7.19 7.30
CA ASN A 83 -7.88 -7.77 7.73
C ASN A 83 -6.93 -7.93 6.54
N ASP A 84 -6.88 -6.89 5.71
CA ASP A 84 -6.03 -6.88 4.52
C ASP A 84 -4.59 -6.54 4.86
N ILE A 85 -3.87 -7.52 5.41
CA ILE A 85 -2.48 -7.34 5.80
C ILE A 85 -1.74 -8.66 5.60
N MET A 86 -0.48 -8.59 5.23
CA MET A 86 0.34 -9.76 4.96
C MET A 86 1.78 -9.45 5.30
N LEU A 87 2.51 -10.48 5.73
CA LEU A 87 3.91 -10.37 6.08
C LEU A 87 4.74 -11.21 5.13
N ILE A 88 5.82 -10.63 4.62
CA ILE A 88 6.69 -11.32 3.69
C ILE A 88 8.09 -11.42 4.29
N LYS A 89 8.61 -12.64 4.40
CA LYS A 89 9.94 -12.86 4.94
C LYS A 89 10.87 -12.92 3.75
N LEU A 90 12.01 -12.24 3.85
CA LEU A 90 13.01 -12.21 2.78
C LEU A 90 13.91 -13.43 2.85
N LYS A 91 14.35 -13.92 1.69
CA LYS A 91 15.21 -15.09 1.62
C LYS A 91 16.58 -14.80 2.22
N SER A 92 16.97 -13.54 2.17
CA SER A 92 18.24 -13.10 2.73
C SER A 92 17.97 -11.76 3.40
N ALA A 93 18.71 -11.47 4.46
CA ALA A 93 18.53 -10.22 5.18
C ALA A 93 19.02 -9.07 4.31
N ALA A 94 18.27 -7.98 4.32
CA ALA A 94 18.62 -6.79 3.55
C ALA A 94 19.71 -6.03 4.29
N SER A 95 20.60 -5.40 3.54
CA SER A 95 21.67 -4.61 4.14
C SER A 95 21.07 -3.24 4.41
N LEU A 96 21.01 -2.84 5.68
CA LEU A 96 20.46 -1.53 6.04
C LEU A 96 21.55 -0.48 5.91
N ASN A 97 21.16 0.69 5.43
CA ASN A 97 22.09 1.79 5.22
C ASN A 97 21.33 3.10 5.11
N SER A 98 21.93 4.11 4.48
CA SER A 98 21.31 5.42 4.34
C SER A 98 20.12 5.45 3.39
N ARG A 99 20.09 4.52 2.43
CA ARG A 99 18.99 4.43 1.46
C ARG A 99 17.95 3.36 1.81
N VAL A 100 18.35 2.36 2.59
CA VAL A 100 17.44 1.28 2.96
C VAL A 100 17.33 1.22 4.49
N ALA A 101 16.13 1.52 5.00
CA ALA A 101 15.91 1.52 6.45
C ALA A 101 14.48 1.07 6.77
N SER A 102 14.28 0.55 7.97
CA SER A 102 12.96 0.08 8.37
C SER A 102 12.12 1.20 8.98
N ILE A 103 10.82 0.98 9.04
CA ILE A 103 9.90 1.97 9.61
C ILE A 103 9.34 1.37 10.91
N SER A 104 9.20 2.21 11.94
CA SER A 104 8.69 1.76 13.24
C SER A 104 7.21 1.43 13.29
N LEU A 105 6.88 0.41 14.07
CA LEU A 105 5.49 -0.01 14.28
C LEU A 105 4.93 0.96 15.31
N PRO A 106 3.63 1.30 15.22
CA PRO A 106 3.00 2.21 16.16
C PRO A 106 2.71 1.61 17.54
N THR A 107 2.64 2.47 18.55
CA THR A 107 2.33 2.03 19.90
C THR A 107 0.87 2.36 20.21
N SER A 108 0.32 3.31 19.47
CA SER A 108 -1.08 3.70 19.63
C SER A 108 -1.61 4.05 18.25
N CYS A 109 -2.93 4.06 18.11
CA CYS A 109 -3.58 4.39 16.85
C CYS A 109 -3.57 5.91 16.67
N ALA A 110 -3.56 6.37 15.43
CA ALA A 110 -3.54 7.80 15.16
C ALA A 110 -4.94 8.38 15.17
N SER A 111 -5.06 9.65 15.52
CA SER A 111 -6.37 10.32 15.58
C SER A 111 -6.73 11.04 14.28
N ALA A 112 -8.02 11.30 14.12
CA ALA A 112 -8.51 12.01 12.95
C ALA A 112 -7.86 13.38 12.94
N GLY A 113 -7.45 13.83 11.76
CA GLY A 113 -6.81 15.12 11.65
C GLY A 113 -5.29 15.07 11.56
N THR A 114 -4.71 13.94 11.93
CA THR A 114 -3.26 13.78 11.87
C THR A 114 -2.78 13.68 10.42
N GLN A 115 -1.75 14.46 10.09
CA GLN A 115 -1.21 14.46 8.74
C GLN A 115 -0.30 13.26 8.53
N CYS A 116 -0.50 12.54 7.44
CA CYS A 116 0.31 11.37 7.14
C CYS A 116 0.92 11.47 5.74
N LEU A 117 1.91 10.62 5.48
CA LEU A 117 2.60 10.58 4.21
C LEU A 117 2.32 9.24 3.54
N ILE A 118 1.75 9.31 2.34
CA ILE A 118 1.43 8.13 1.56
C ILE A 118 2.34 8.18 0.32
N SER A 119 2.91 7.04 -0.05
CA SER A 119 3.80 6.99 -1.20
C SER A 119 3.60 5.73 -2.04
N GLY A 120 3.97 5.81 -3.32
CA GLY A 120 3.85 4.66 -4.19
C GLY A 120 4.13 4.95 -5.65
N TRP A 121 4.21 3.90 -6.46
CA TRP A 121 4.45 4.03 -7.90
C TRP A 121 3.17 3.76 -8.70
N GLY A 122 2.02 3.98 -8.08
CA GLY A 122 0.76 3.74 -8.74
C GLY A 122 0.32 4.81 -9.71
N ASN A 123 -0.80 4.56 -10.37
CA ASN A 123 -1.39 5.47 -11.34
C ASN A 123 -1.47 6.89 -10.80
N THR A 124 -1.19 7.87 -11.65
CA THR A 124 -1.22 9.26 -11.25
C THR A 124 -2.43 10.02 -11.81
N LYS A 125 -3.33 9.30 -12.49
CA LYS A 125 -4.53 9.93 -13.05
C LYS A 125 -5.85 9.36 -12.53
N SER A 126 -6.82 10.23 -12.30
CA SER A 126 -8.14 9.83 -11.83
C SER A 126 -8.96 9.29 -13.00
N SER A 127 -8.74 9.88 -14.18
CA SER A 127 -9.39 9.47 -15.42
C SER A 127 -8.26 9.12 -16.39
N GLY A 128 -8.20 7.87 -16.80
CA GLY A 128 -7.15 7.46 -17.72
C GLY A 128 -6.04 6.68 -17.04
N THR A 129 -4.85 6.80 -17.60
CA THR A 129 -3.69 6.07 -17.10
C THR A 129 -2.37 6.82 -17.29
N SER A 130 -1.52 6.71 -16.28
CA SER A 130 -0.19 7.30 -16.30
C SER A 130 0.55 6.72 -15.11
N TYR A 131 1.51 5.85 -15.39
CA TYR A 131 2.30 5.21 -14.35
C TYR A 131 3.66 5.86 -14.33
N PRO A 132 4.07 6.34 -13.15
CA PRO A 132 5.37 7.00 -12.95
C PRO A 132 6.57 6.06 -12.88
N ASP A 133 7.75 6.60 -13.19
CA ASP A 133 8.97 5.83 -13.12
C ASP A 133 9.64 6.07 -11.77
N VAL A 134 9.36 7.22 -11.16
CA VAL A 134 9.93 7.56 -9.86
C VAL A 134 8.83 7.58 -8.80
N LEU A 135 9.24 7.35 -7.55
CA LEU A 135 8.31 7.30 -6.41
C LEU A 135 7.58 8.61 -6.14
N LYS A 136 6.27 8.53 -5.99
CA LYS A 136 5.46 9.70 -5.72
C LYS A 136 5.02 9.72 -4.26
N CYS A 137 4.78 10.93 -3.73
CA CYS A 137 4.39 11.15 -2.35
C CYS A 137 3.15 12.01 -2.26
N LEU A 138 2.40 11.83 -1.17
CA LEU A 138 1.19 12.60 -0.92
C LEU A 138 1.00 12.79 0.58
N LYS A 139 0.71 14.01 1.00
CA LYS A 139 0.44 14.29 2.39
C LYS A 139 -1.08 14.36 2.56
N ALA A 140 -1.62 13.54 3.44
CA ALA A 140 -3.07 13.50 3.64
C ALA A 140 -3.45 13.25 5.11
N PRO A 141 -4.56 13.87 5.57
CA PRO A 141 -5.00 13.70 6.96
C PRO A 141 -5.92 12.48 7.12
N ILE A 142 -5.93 11.92 8.32
CA ILE A 142 -6.80 10.80 8.65
C ILE A 142 -8.19 11.42 8.81
N LEU A 143 -9.20 10.81 8.21
CA LEU A 143 -10.56 11.33 8.31
C LEU A 143 -11.28 10.70 9.50
N SER A 144 -12.34 11.36 9.96
CA SER A 144 -13.11 10.86 11.09
C SER A 144 -13.85 9.59 10.71
N ASP A 145 -14.12 8.78 11.72
CA ASP A 145 -14.85 7.54 11.58
C ASP A 145 -16.19 7.78 10.89
N SER A 146 -16.90 8.81 11.32
CA SER A 146 -18.20 9.13 10.75
C SER A 146 -18.11 9.41 9.24
N SER A 147 -17.14 10.25 8.85
CA SER A 147 -16.93 10.60 7.45
C SER A 147 -16.69 9.37 6.58
N CYS A 148 -15.87 8.46 7.09
CA CYS A 148 -15.50 7.24 6.38
C CYS A 148 -16.71 6.34 6.15
N LYS A 149 -17.51 6.12 7.18
CA LYS A 149 -18.70 5.26 7.09
C LYS A 149 -19.79 5.85 6.20
N SER A 150 -19.94 7.17 6.22
CA SER A 150 -20.95 7.81 5.37
C SER A 150 -20.52 7.75 3.91
N ALA A 151 -19.22 7.71 3.66
CA ALA A 151 -18.69 7.65 2.31
C ALA A 151 -18.87 6.25 1.72
N TYR A 152 -18.69 5.23 2.56
CA TYR A 152 -18.83 3.84 2.14
C TYR A 152 -19.78 3.09 3.06
N PRO A 153 -21.09 3.36 2.95
CA PRO A 153 -22.12 2.73 3.78
C PRO A 153 -22.06 1.20 3.89
N GLY A 154 -21.88 0.73 5.12
CA GLY A 154 -21.83 -0.69 5.40
C GLY A 154 -20.58 -1.43 4.95
N GLN A 155 -19.58 -0.70 4.45
CA GLN A 155 -18.37 -1.36 3.97
C GLN A 155 -17.12 -1.16 4.80
N ILE A 156 -17.17 -0.24 5.77
CA ILE A 156 -16.03 0.06 6.62
C ILE A 156 -16.07 -0.74 7.92
N THR A 157 -15.01 -1.50 8.21
CA THR A 157 -14.94 -2.29 9.43
C THR A 157 -14.01 -1.58 10.42
N SER A 158 -13.89 -2.14 11.61
CA SER A 158 -13.04 -1.56 12.64
C SER A 158 -11.56 -1.65 12.31
N ASN A 159 -11.21 -2.42 11.29
CA ASN A 159 -9.83 -2.61 10.89
C ASN A 159 -9.44 -1.76 9.68
N MET A 160 -10.19 -0.69 9.46
CA MET A 160 -9.97 0.21 8.32
C MET A 160 -10.15 1.66 8.71
N PHE A 161 -9.49 2.55 7.99
CA PHE A 161 -9.67 3.98 8.21
C PHE A 161 -9.58 4.69 6.87
N CYS A 162 -10.22 5.86 6.78
CA CYS A 162 -10.18 6.65 5.56
C CYS A 162 -9.17 7.76 5.71
N ALA A 163 -8.46 8.06 4.63
CA ALA A 163 -7.48 9.13 4.63
C ALA A 163 -7.57 9.79 3.27
N GLY A 164 -7.52 11.13 3.25
CA GLY A 164 -7.60 11.84 1.99
C GLY A 164 -8.38 13.12 2.07
N TYR A 165 -9.06 13.45 0.98
CA TYR A 165 -9.85 14.67 0.89
C TYR A 165 -11.21 14.38 0.25
N LEU A 166 -12.27 14.83 0.91
CA LEU A 166 -13.62 14.61 0.40
C LEU A 166 -13.90 15.44 -0.85
N GLU A 167 -13.07 16.44 -1.11
CA GLU A 167 -13.18 17.29 -2.28
C GLU A 167 -12.62 16.51 -3.49
N GLY A 168 -11.90 15.43 -3.20
CA GLY A 168 -11.30 14.63 -4.25
C GLY A 168 -10.06 15.35 -4.75
N GLY A 169 -9.46 14.83 -5.82
CA GLY A 169 -8.27 15.46 -6.37
C GLY A 169 -6.94 14.88 -5.96
N LYS A 170 -6.86 14.31 -4.75
CA LYS A 170 -5.61 13.73 -4.26
C LYS A 170 -5.97 12.41 -3.58
N ASP A 171 -5.26 11.33 -3.89
CA ASP A 171 -5.58 10.03 -3.34
C ASP A 171 -4.52 9.04 -3.80
N SER A 172 -4.51 7.84 -3.23
CA SER A 172 -3.63 6.79 -3.70
C SER A 172 -4.43 6.14 -4.86
N CYS A 173 -3.84 5.21 -5.60
CA CYS A 173 -4.54 4.62 -6.74
C CYS A 173 -3.97 3.25 -7.10
N GLN A 174 -4.50 2.60 -8.14
CA GLN A 174 -4.00 1.29 -8.55
C GLN A 174 -2.48 1.28 -8.73
N GLY A 175 -1.82 0.32 -8.08
CA GLY A 175 -0.37 0.21 -8.12
C GLY A 175 0.25 0.67 -6.80
N ASP A 176 -0.56 1.29 -5.96
CA ASP A 176 -0.13 1.79 -4.65
C ASP A 176 -0.39 0.79 -3.51
N SER A 177 -1.20 -0.23 -3.79
CA SER A 177 -1.55 -1.27 -2.80
C SER A 177 -0.39 -1.83 -2.01
N GLY A 178 -0.60 -2.01 -0.71
CA GLY A 178 0.43 -2.56 0.15
C GLY A 178 1.43 -1.54 0.65
N GLY A 179 1.37 -0.34 0.08
CA GLY A 179 2.28 0.72 0.47
C GLY A 179 1.98 1.37 1.81
N PRO A 180 2.94 2.14 2.34
CA PRO A 180 2.85 2.85 3.62
C PRO A 180 2.07 4.16 3.75
N VAL A 181 1.52 4.34 4.94
CA VAL A 181 0.83 5.55 5.36
C VAL A 181 1.55 5.79 6.69
N VAL A 182 2.48 6.74 6.69
CA VAL A 182 3.27 7.02 7.87
C VAL A 182 2.82 8.32 8.52
N CYS A 183 2.58 8.26 9.83
CA CYS A 183 2.16 9.45 10.56
C CYS A 183 3.04 9.51 11.80
N SER A 184 3.70 10.64 12.00
CA SER A 184 4.58 10.84 13.16
C SER A 184 5.69 9.79 13.23
N GLY A 185 6.28 9.45 12.08
CA GLY A 185 7.34 8.45 12.06
C GLY A 185 6.95 7.02 12.38
N LYS A 186 5.65 6.71 12.32
CA LYS A 186 5.15 5.37 12.60
C LYS A 186 4.23 4.88 11.48
N LEU A 187 4.31 3.60 11.18
CA LEU A 187 3.47 2.99 10.15
C LEU A 187 2.04 2.80 10.67
N GLN A 188 1.13 3.67 10.25
CA GLN A 188 -0.25 3.59 10.70
C GLN A 188 -1.20 2.93 9.70
N GLY A 189 -0.83 2.92 8.41
CA GLY A 189 -1.72 2.32 7.43
C GLY A 189 -1.05 1.61 6.28
N ILE A 190 -1.88 0.89 5.52
CA ILE A 190 -1.45 0.13 4.35
C ILE A 190 -2.48 0.43 3.26
N VAL A 191 -2.03 0.87 2.09
CA VAL A 191 -2.94 1.17 0.99
C VAL A 191 -3.74 -0.10 0.68
N SER A 192 -5.06 -0.01 0.74
CA SER A 192 -5.89 -1.17 0.50
C SER A 192 -6.88 -1.04 -0.66
N TRP A 193 -7.88 -0.19 -0.53
CA TRP A 193 -8.89 -0.05 -1.59
C TRP A 193 -9.59 1.29 -1.64
N GLY A 194 -10.49 1.42 -2.60
CA GLY A 194 -11.29 2.63 -2.76
C GLY A 194 -12.22 2.46 -3.95
N SER A 195 -13.10 3.44 -4.15
CA SER A 195 -14.04 3.43 -5.26
C SER A 195 -13.49 4.47 -6.24
N GLY A 196 -12.78 4.00 -7.25
CA GLY A 196 -12.16 4.89 -8.21
C GLY A 196 -10.94 5.47 -7.50
N CYS A 197 -10.43 6.59 -8.01
CA CYS A 197 -9.28 7.27 -7.40
C CYS A 197 -9.55 8.76 -7.40
N ALA A 198 -9.34 9.39 -6.24
CA ALA A 198 -9.51 10.83 -6.08
C ALA A 198 -10.90 11.36 -6.44
N GLN A 199 -11.91 10.52 -6.37
CA GLN A 199 -13.28 10.94 -6.67
C GLN A 199 -13.89 11.70 -5.49
N LYS A 200 -14.78 12.64 -5.78
CA LYS A 200 -15.45 13.41 -4.73
C LYS A 200 -16.15 12.46 -3.76
N ASN A 201 -16.00 12.71 -2.46
CA ASN A 201 -16.61 11.91 -1.41
C ASN A 201 -16.27 10.42 -1.43
N LYS A 202 -15.14 10.06 -2.04
CA LYS A 202 -14.70 8.67 -2.10
C LYS A 202 -13.20 8.57 -1.80
N PRO A 203 -12.82 8.81 -0.52
CA PRO A 203 -11.40 8.75 -0.12
C PRO A 203 -10.85 7.33 -0.07
N GLY A 204 -9.52 7.22 -0.01
CA GLY A 204 -8.92 5.90 0.06
C GLY A 204 -9.19 5.25 1.40
N VAL A 205 -9.21 3.92 1.40
CA VAL A 205 -9.43 3.11 2.60
C VAL A 205 -8.14 2.34 2.85
N TYR A 206 -7.69 2.37 4.11
CA TYR A 206 -6.43 1.75 4.50
C TYR A 206 -6.60 0.77 5.67
N THR A 207 -5.73 -0.22 5.73
CA THR A 207 -5.74 -1.19 6.80
C THR A 207 -5.15 -0.50 8.05
N LYS A 208 -5.87 -0.56 9.17
CA LYS A 208 -5.46 0.07 10.43
C LYS A 208 -4.41 -0.78 11.12
N VAL A 209 -3.14 -0.49 10.85
CA VAL A 209 -2.01 -1.25 11.40
C VAL A 209 -1.92 -1.37 12.93
N CYS A 210 -2.37 -0.37 13.66
CA CYS A 210 -2.29 -0.40 15.12
C CYS A 210 -3.08 -1.56 15.74
N ASN A 211 -4.07 -2.08 15.02
CA ASN A 211 -4.86 -3.22 15.49
C ASN A 211 -4.12 -4.53 15.30
N TYR A 212 -2.99 -4.49 14.59
CA TYR A 212 -2.23 -5.72 14.32
C TYR A 212 -0.83 -5.79 14.88
N VAL A 213 -0.42 -4.81 15.68
CA VAL A 213 0.94 -4.81 16.22
C VAL A 213 1.38 -6.09 16.93
N SER A 214 0.58 -6.61 17.84
CA SER A 214 0.98 -7.83 18.54
C SER A 214 1.03 -9.01 17.57
N TRP A 215 0.10 -9.09 16.61
CA TRP A 215 0.10 -10.18 15.64
C TRP A 215 1.39 -10.17 14.80
N ILE A 216 1.78 -8.98 14.35
CA ILE A 216 2.98 -8.81 13.55
C ILE A 216 4.22 -9.24 14.34
N LYS A 217 4.34 -8.71 15.55
CA LYS A 217 5.47 -9.03 16.42
C LYS A 217 5.59 -10.51 16.73
N GLN A 218 4.46 -11.17 16.90
CA GLN A 218 4.45 -12.60 17.19
C GLN A 218 4.92 -13.41 15.96
N THR A 219 4.33 -13.10 14.81
CA THR A 219 4.65 -13.77 13.55
C THR A 219 6.13 -13.65 13.18
N ILE A 220 6.64 -12.43 13.19
CA ILE A 220 8.03 -12.15 12.84
C ILE A 220 9.01 -12.97 13.69
N ALA A 221 8.70 -13.08 14.98
CA ALA A 221 9.53 -13.81 15.92
C ALA A 221 9.33 -15.32 15.93
N SER A 222 8.34 -15.82 15.19
CA SER A 222 8.09 -17.26 15.16
C SER A 222 8.31 -17.94 13.82
N ASN A 223 8.83 -17.21 12.84
CA ASN A 223 9.07 -17.76 11.50
C ASN A 223 10.43 -17.39 10.93
N ARG B 1 -17.92 1.31 -4.95
CA ARG B 1 -17.66 -0.16 -5.00
C ARG B 1 -16.32 -0.45 -4.36
N ILE B 2 -16.08 -1.71 -4.02
CA ILE B 2 -14.82 -2.12 -3.42
C ILE B 2 -13.83 -2.53 -4.50
N CYS B 3 -12.81 -1.72 -4.72
CA CYS B 3 -11.80 -2.05 -5.71
C CYS B 3 -10.40 -1.91 -5.14
N PRO B 4 -9.70 -3.04 -4.92
CA PRO B 4 -8.33 -3.10 -4.39
C PRO B 4 -7.40 -2.27 -5.28
N ARG B 5 -6.45 -1.57 -4.68
CA ARG B 5 -5.53 -0.75 -5.46
C ARG B 5 -4.26 -1.42 -5.99
N ILE B 6 -4.43 -2.66 -6.45
CA ILE B 6 -3.33 -3.46 -7.00
C ILE B 6 -3.26 -3.25 -8.53
N TRP B 7 -2.05 -3.18 -9.09
CA TRP B 7 -1.89 -3.00 -10.53
C TRP B 7 -2.09 -4.34 -11.22
N MET B 8 -3.04 -4.40 -12.15
CA MET B 8 -3.35 -5.66 -12.84
C MET B 8 -3.88 -5.41 -14.25
N GLU B 9 -3.34 -6.15 -15.22
CA GLU B 9 -3.79 -6.07 -16.61
C GLU B 9 -5.03 -6.94 -16.78
N CYS B 10 -5.83 -6.63 -17.79
CA CYS B 10 -7.04 -7.38 -18.04
C CYS B 10 -7.52 -7.22 -19.47
N LYS B 11 -8.26 -8.23 -19.93
CA LYS B 11 -8.85 -8.26 -21.25
C LYS B 11 -10.38 -8.15 -21.13
N ARG B 12 -10.91 -8.52 -19.97
CA ARG B 12 -12.34 -8.45 -19.70
C ARG B 12 -12.60 -8.13 -18.22
N ASP B 13 -13.77 -7.56 -17.92
CA ASP B 13 -14.15 -7.20 -16.55
C ASP B 13 -13.92 -8.33 -15.55
N SER B 14 -14.23 -9.55 -15.96
CA SER B 14 -14.09 -10.71 -15.09
C SER B 14 -12.66 -11.07 -14.66
N ASP B 15 -11.66 -10.47 -15.31
CA ASP B 15 -10.27 -10.73 -14.97
C ASP B 15 -9.85 -10.00 -13.70
N CYS B 16 -10.62 -8.98 -13.31
CA CYS B 16 -10.29 -8.17 -12.15
C CYS B 16 -10.75 -8.70 -10.80
N MET B 17 -10.19 -8.14 -9.72
CA MET B 17 -10.52 -8.53 -8.35
C MET B 17 -11.71 -7.77 -7.79
N ALA B 18 -12.33 -8.38 -6.78
CA ALA B 18 -13.48 -7.81 -6.09
C ALA B 18 -14.45 -7.09 -7.03
N GLU B 19 -14.69 -5.80 -6.78
CA GLU B 19 -15.60 -5.03 -7.60
C GLU B 19 -14.86 -4.10 -8.58
N CYS B 20 -13.61 -4.44 -8.87
CA CYS B 20 -12.84 -3.66 -9.82
C CYS B 20 -13.34 -4.05 -11.21
N ILE B 21 -13.25 -3.13 -12.16
CA ILE B 21 -13.67 -3.41 -13.52
C ILE B 21 -12.47 -3.19 -14.46
N CYS B 22 -12.50 -3.82 -15.63
CA CYS B 22 -11.41 -3.67 -16.58
C CYS B 22 -11.58 -2.42 -17.42
N VAL B 23 -11.02 -1.31 -16.96
CA VAL B 23 -11.13 -0.05 -17.68
C VAL B 23 -9.99 0.06 -18.70
N MET B 24 -10.33 -0.13 -19.97
CA MET B 24 -9.35 -0.07 -21.04
C MET B 24 -8.05 -0.84 -20.76
N GLY B 25 -8.17 -2.12 -20.41
CA GLY B 25 -6.99 -2.93 -20.17
C GLY B 25 -6.34 -2.93 -18.80
N HIS B 26 -6.84 -2.15 -17.87
CA HIS B 26 -6.28 -2.11 -16.51
C HIS B 26 -7.43 -2.15 -15.51
N CYS B 27 -7.29 -2.97 -14.47
CA CYS B 27 -8.32 -3.07 -13.46
C CYS B 27 -8.39 -1.76 -12.68
N GLY B 28 -9.59 -1.28 -12.40
CA GLY B 28 -9.75 -0.03 -11.67
C GLY B 28 -11.17 0.25 -11.27
CA CA C . 15.89 1.50 -10.25
#